data_8XSH
#
_entry.id   8XSH
#
_cell.length_a   93.592
_cell.length_b   44.312
_cell.length_c   90.754
_cell.angle_alpha   90.000
_cell.angle_beta   113.745
_cell.angle_gamma   90.000
#
_symmetry.space_group_name_H-M   'C 1 2 1'
#
loop_
_entity.id
_entity.type
_entity.pdbx_description
1 polymer 'Putative glycosyltransferase'
2 water water
#
_entity_poly.entity_id   1
_entity_poly.type   'polypeptide(L)'
_entity_poly.pdbx_seq_one_letter_code
;GPSNITFYFPFGHVPTYGGDFVNLEHIRALNKHGFSAKVILMKNQIPIVIESFPKDIPVVFYKPGMELNAQDVFVLSEGV
RIMYSGLAQTQAFRVIVHNQNPFYTHTGMDSAHDINRYRITKIITPSHYTVKKLEEMGITKPMAVISPYIPEYFKPAEKS
NEEIRITYSRRKREEESKILLFYLRSLYRGKKALHIRNLTNYKREEVAEEMSKAHIYASFAERESLGLMALEAMASGCHV
VGFSGFTDFENQDVFNEENGDWVKEGEYKKFAEKLIEAIEQIENNTPSPKIENGLALVNSRFRQDRFEQEVVRVYQDILD
NLPPLEGFNESDKVVLDFWHFD
;
_entity_poly.pdbx_strand_id   A
#
# COMPACT_ATOMS: atom_id res chain seq x y z
N ASN A 4 -7.08 -21.68 18.29
CA ASN A 4 -7.51 -22.24 16.98
C ASN A 4 -8.30 -21.17 16.24
N ILE A 5 -7.60 -20.05 15.92
CA ILE A 5 -8.23 -18.92 15.26
C ILE A 5 -7.69 -18.82 13.84
N THR A 6 -8.61 -18.63 12.88
CA THR A 6 -8.24 -18.33 11.51
C THR A 6 -8.65 -16.89 11.20
N PHE A 7 -7.75 -16.22 10.46
CA PHE A 7 -7.97 -14.89 9.92
C PHE A 7 -8.41 -15.04 8.48
N TYR A 8 -9.56 -14.48 8.16
CA TYR A 8 -10.16 -14.59 6.85
C TYR A 8 -10.14 -13.24 6.14
N PHE A 9 -9.57 -13.20 4.92
CA PHE A 9 -9.39 -11.99 4.14
C PHE A 9 -10.33 -12.06 2.96
N PRO A 10 -11.39 -11.23 2.90
CA PRO A 10 -12.36 -11.35 1.83
C PRO A 10 -11.82 -10.81 0.52
N PHE A 11 -12.08 -11.55 -0.56
CA PHE A 11 -11.81 -11.13 -1.91
C PHE A 11 -13.04 -11.38 -2.74
N GLY A 12 -13.21 -10.56 -3.77
CA GLY A 12 -14.32 -10.77 -4.69
C GLY A 12 -13.94 -10.78 -6.16
N HIS A 13 -12.62 -10.68 -6.45
CA HIS A 13 -12.12 -10.51 -7.80
C HIS A 13 -10.68 -10.99 -7.83
N VAL A 14 -10.10 -11.13 -9.03
CA VAL A 14 -8.66 -11.40 -9.14
C VAL A 14 -7.92 -10.30 -8.38
N PRO A 15 -6.82 -10.62 -7.66
CA PRO A 15 -5.96 -9.58 -7.08
C PRO A 15 -5.53 -8.56 -8.12
N THR A 16 -5.74 -7.29 -7.79
CA THR A 16 -5.67 -6.23 -8.78
C THR A 16 -4.87 -5.05 -8.22
N TYR A 17 -5.40 -4.50 -7.14
CA TYR A 17 -4.86 -3.28 -6.58
C TYR A 17 -3.64 -3.65 -5.75
N GLY A 18 -2.74 -2.66 -5.60
CA GLY A 18 -1.68 -2.77 -4.62
C GLY A 18 -2.14 -3.43 -3.33
N GLY A 19 -3.27 -2.95 -2.76
CA GLY A 19 -3.80 -3.42 -1.49
C GLY A 19 -4.08 -4.93 -1.45
N ASP A 20 -4.56 -5.46 -2.58
CA ASP A 20 -4.86 -6.87 -2.67
C ASP A 20 -3.57 -7.69 -2.51
N PHE A 21 -2.51 -7.24 -3.19
CA PHE A 21 -1.23 -7.96 -3.12
C PHE A 21 -0.62 -7.87 -1.72
N VAL A 22 -0.77 -6.72 -1.04
CA VAL A 22 -0.29 -6.62 0.32
C VAL A 22 -1.02 -7.63 1.22
N ASN A 23 -2.34 -7.76 1.06
CA ASN A 23 -3.11 -8.70 1.85
C ASN A 23 -2.62 -10.11 1.62
N LEU A 24 -2.26 -10.48 0.38
CA LEU A 24 -1.68 -11.79 0.15
C LEU A 24 -0.36 -11.95 0.92
N GLU A 25 0.45 -10.89 1.00
CA GLU A 25 1.68 -10.94 1.78
C GLU A 25 1.42 -11.08 3.29
N HIS A 26 0.37 -10.44 3.80
CA HIS A 26 -0.05 -10.66 5.18
C HIS A 26 -0.34 -12.15 5.41
N ILE A 27 -1.16 -12.72 4.52
CA ILE A 27 -1.55 -14.13 4.61
C ILE A 27 -0.29 -15.01 4.63
N ARG A 28 0.61 -14.75 3.70
CA ARG A 28 1.80 -15.57 3.58
C ARG A 28 2.65 -15.49 4.85
N ALA A 29 2.82 -14.28 5.40
CA ALA A 29 3.64 -14.12 6.60
C ALA A 29 3.00 -14.83 7.79
N LEU A 30 1.68 -14.70 7.90
CA LEU A 30 0.95 -15.29 9.01
C LEU A 30 1.13 -16.81 8.96
N ASN A 31 0.90 -17.42 7.79
CA ASN A 31 0.98 -18.87 7.69
C ASN A 31 2.42 -19.36 7.87
N LYS A 32 3.39 -18.53 7.51
CA LYS A 32 4.77 -18.92 7.67
C LYS A 32 5.18 -18.97 9.15
N HIS A 33 4.56 -18.13 9.98
CA HIS A 33 5.03 -17.94 11.35
C HIS A 33 4.00 -18.43 12.36
N GLY A 34 3.23 -19.45 12.00
CA GLY A 34 2.48 -20.23 12.98
C GLY A 34 1.02 -19.81 13.18
N PHE A 35 0.55 -18.89 12.35
CA PHE A 35 -0.83 -18.46 12.40
C PHE A 35 -1.61 -19.21 11.34
N SER A 36 -2.94 -18.98 11.30
CA SER A 36 -3.79 -19.54 10.26
C SER A 36 -4.54 -18.41 9.54
N ALA A 37 -4.25 -18.27 8.24
CA ALA A 37 -4.88 -17.22 7.46
C ALA A 37 -5.26 -17.73 6.08
N LYS A 38 -6.40 -17.24 5.62
CA LYS A 38 -6.98 -17.65 4.35
C LYS A 38 -7.75 -16.52 3.67
N VAL A 39 -7.81 -16.61 2.34
CA VAL A 39 -8.74 -15.84 1.54
C VAL A 39 -10.09 -16.51 1.70
N ILE A 40 -11.13 -15.69 1.89
CA ILE A 40 -12.46 -16.16 1.60
C ILE A 40 -12.95 -15.44 0.36
N LEU A 41 -13.16 -16.22 -0.69
CA LEU A 41 -13.59 -15.68 -1.97
C LEU A 41 -15.13 -15.63 -1.98
N MET A 42 -15.67 -14.41 -1.92
CA MET A 42 -17.08 -14.17 -1.59
C MET A 42 -17.99 -14.43 -2.79
N LYS A 43 -17.43 -14.30 -4.01
CA LYS A 43 -18.20 -14.32 -5.24
C LYS A 43 -17.20 -14.47 -6.40
N ASN A 44 -17.74 -14.53 -7.63
CA ASN A 44 -16.93 -14.72 -8.81
C ASN A 44 -16.07 -15.97 -8.64
N GLN A 45 -16.70 -17.05 -8.18
CA GLN A 45 -15.98 -18.30 -8.02
C GLN A 45 -15.87 -19.02 -9.37
N ILE A 46 -15.08 -18.45 -10.28
CA ILE A 46 -14.92 -18.96 -11.63
C ILE A 46 -13.42 -19.21 -11.83
N PRO A 47 -13.01 -20.13 -12.72
CA PRO A 47 -11.59 -20.48 -12.86
C PRO A 47 -10.61 -19.31 -13.01
N ILE A 48 -10.93 -18.29 -13.83
CA ILE A 48 -9.99 -17.19 -14.00
C ILE A 48 -9.65 -16.56 -12.65
N VAL A 49 -10.67 -16.39 -11.80
CA VAL A 49 -10.48 -15.78 -10.49
C VAL A 49 -9.78 -16.78 -9.57
N ILE A 50 -10.34 -17.99 -9.46
CA ILE A 50 -9.79 -19.02 -8.61
C ILE A 50 -8.31 -19.23 -8.92
N GLU A 51 -7.96 -19.33 -10.20
CA GLU A 51 -6.59 -19.66 -10.61
C GLU A 51 -5.64 -18.49 -10.37
N SER A 52 -6.18 -17.30 -10.08
CA SER A 52 -5.34 -16.13 -9.97
C SER A 52 -4.68 -16.08 -8.60
N PHE A 53 -5.15 -16.91 -7.64
CA PHE A 53 -4.54 -16.94 -6.32
C PHE A 53 -3.36 -17.90 -6.38
N PRO A 54 -2.15 -17.47 -5.99
CA PRO A 54 -1.00 -18.38 -5.96
C PRO A 54 -1.23 -19.64 -5.10
N LYS A 55 -0.52 -20.70 -5.50
CA LYS A 55 -0.69 -22.03 -4.92
C LYS A 55 -0.53 -22.00 -3.40
N ASP A 56 0.27 -21.08 -2.89
CA ASP A 56 0.56 -21.10 -1.46
C ASP A 56 -0.42 -20.23 -0.70
N ILE A 57 -1.47 -19.72 -1.36
CA ILE A 57 -2.50 -18.96 -0.67
C ILE A 57 -3.75 -19.82 -0.49
N PRO A 58 -4.14 -20.18 0.75
CA PRO A 58 -5.35 -20.98 0.96
C PRO A 58 -6.59 -20.16 0.62
N VAL A 59 -7.55 -20.81 -0.07
CA VAL A 59 -8.75 -20.13 -0.51
C VAL A 59 -9.95 -20.96 -0.08
N VAL A 60 -10.90 -20.34 0.61
CA VAL A 60 -12.14 -21.00 0.91
C VAL A 60 -13.22 -20.22 0.18
N PHE A 61 -14.26 -20.91 -0.28
CA PHE A 61 -15.30 -20.24 -1.03
C PHE A 61 -16.45 -19.94 -0.10
N TYR A 62 -16.97 -18.71 -0.18
CA TYR A 62 -18.23 -18.40 0.49
C TYR A 62 -19.38 -19.15 -0.20
N LYS A 63 -20.19 -19.80 0.62
CA LYS A 63 -21.42 -20.41 0.17
C LYS A 63 -22.46 -20.16 1.26
N PRO A 64 -23.65 -19.58 0.94
CA PRO A 64 -24.63 -19.34 1.97
C PRO A 64 -24.90 -20.67 2.66
N GLY A 65 -24.74 -20.65 3.99
CA GLY A 65 -25.05 -21.81 4.83
C GLY A 65 -23.80 -22.51 5.34
N MET A 66 -22.63 -22.15 4.81
CA MET A 66 -21.37 -22.69 5.32
C MET A 66 -21.24 -22.31 6.79
N GLU A 67 -20.35 -23.01 7.50
CA GLU A 67 -20.10 -22.72 8.90
C GLU A 67 -18.64 -22.36 9.12
N LEU A 68 -18.40 -21.31 9.92
CA LEU A 68 -17.08 -21.07 10.47
C LEU A 68 -17.16 -21.14 12.00
N ASN A 69 -16.00 -20.98 12.64
CA ASN A 69 -15.90 -20.98 14.11
C ASN A 69 -16.19 -19.57 14.63
N ALA A 70 -16.94 -19.51 15.73
CA ALA A 70 -17.31 -18.27 16.37
C ALA A 70 -16.09 -17.39 16.66
N GLN A 71 -14.92 -18.01 16.91
CA GLN A 71 -13.76 -17.26 17.37
C GLN A 71 -13.00 -16.60 16.22
N ASP A 72 -13.31 -16.99 14.98
CA ASP A 72 -12.58 -16.56 13.81
C ASP A 72 -12.64 -15.04 13.61
N VAL A 73 -11.63 -14.55 12.87
CA VAL A 73 -11.41 -13.14 12.69
C VAL A 73 -11.51 -12.84 11.20
N PHE A 74 -12.35 -11.86 10.90
CA PHE A 74 -12.41 -11.28 9.57
C PHE A 74 -11.51 -10.06 9.50
N VAL A 75 -10.67 -10.03 8.48
CA VAL A 75 -9.80 -8.90 8.24
C VAL A 75 -10.34 -8.12 7.03
N LEU A 76 -11.07 -7.04 7.30
CA LEU A 76 -11.83 -6.33 6.29
C LEU A 76 -10.99 -5.20 5.69
N SER A 77 -11.19 -4.95 4.40
CA SER A 77 -10.77 -3.74 3.72
C SER A 77 -11.54 -2.52 4.25
N GLU A 78 -10.98 -1.32 4.07
CA GLU A 78 -11.74 -0.10 4.31
C GLU A 78 -12.87 0.09 3.30
N GLY A 79 -12.83 -0.61 2.17
CA GLY A 79 -13.91 -0.58 1.19
C GLY A 79 -14.91 -1.70 1.45
N VAL A 80 -15.61 -2.14 0.40
CA VAL A 80 -16.55 -3.24 0.46
C VAL A 80 -17.46 -3.13 1.68
N ARG A 81 -18.33 -2.12 1.60
CA ARG A 81 -19.36 -1.86 2.60
C ARG A 81 -20.14 -3.13 2.94
N ILE A 82 -20.37 -4.00 1.95
CA ILE A 82 -21.29 -5.12 2.14
C ILE A 82 -20.72 -6.12 3.16
N MET A 83 -19.39 -6.15 3.32
CA MET A 83 -18.83 -7.04 4.34
C MET A 83 -19.24 -6.56 5.74
N TYR A 84 -19.23 -5.25 5.96
CA TYR A 84 -19.63 -4.70 7.25
C TYR A 84 -21.12 -4.91 7.52
N SER A 85 -21.99 -4.68 6.53
CA SER A 85 -23.43 -4.83 6.77
C SER A 85 -23.81 -6.30 7.03
N GLY A 86 -23.22 -7.23 6.26
CA GLY A 86 -23.43 -8.64 6.48
C GLY A 86 -23.02 -9.11 7.87
N LEU A 87 -21.80 -8.76 8.29
CA LEU A 87 -21.26 -9.25 9.56
C LEU A 87 -21.93 -8.57 10.76
N ALA A 88 -22.63 -7.47 10.53
CA ALA A 88 -23.43 -6.87 11.59
C ALA A 88 -24.65 -7.72 11.89
N GLN A 89 -24.93 -8.75 11.09
CA GLN A 89 -26.05 -9.64 11.34
C GLN A 89 -25.74 -10.72 12.40
N THR A 90 -24.51 -10.79 12.90
CA THR A 90 -24.18 -11.76 13.94
C THR A 90 -23.31 -11.10 15.01
N GLN A 91 -23.35 -11.70 16.21
CA GLN A 91 -22.46 -11.35 17.30
C GLN A 91 -21.17 -12.16 17.26
N ALA A 92 -21.15 -13.25 16.47
CA ALA A 92 -19.96 -14.08 16.31
C ALA A 92 -18.88 -13.31 15.57
N PHE A 93 -17.66 -13.84 15.68
CA PHE A 93 -16.46 -13.42 14.96
C PHE A 93 -15.85 -12.17 15.59
N ARG A 94 -14.58 -11.94 15.31
CA ARG A 94 -13.99 -10.66 15.56
C ARG A 94 -13.72 -10.00 14.22
N VAL A 95 -13.58 -8.66 14.26
CA VAL A 95 -13.37 -7.88 13.06
C VAL A 95 -12.16 -6.97 13.28
N ILE A 96 -11.20 -7.09 12.35
CA ILE A 96 -10.09 -6.17 12.19
C ILE A 96 -10.32 -5.46 10.89
N VAL A 97 -9.96 -4.18 10.81
CA VAL A 97 -9.96 -3.48 9.54
C VAL A 97 -8.52 -3.28 9.13
N HIS A 98 -8.19 -3.72 7.90
CA HIS A 98 -6.92 -3.36 7.32
C HIS A 98 -7.19 -2.19 6.35
N ASN A 99 -7.03 -0.97 6.89
CA ASN A 99 -7.30 0.23 6.15
C ASN A 99 -5.99 0.68 5.50
N GLN A 100 -5.88 0.40 4.21
CA GLN A 100 -4.69 0.70 3.44
C GLN A 100 -4.82 1.99 2.63
N ASN A 101 -5.97 2.65 2.71
CA ASN A 101 -6.31 3.75 1.85
C ASN A 101 -7.21 4.70 2.63
N PRO A 102 -6.67 5.52 3.55
CA PRO A 102 -7.53 6.31 4.45
C PRO A 102 -8.49 7.26 3.74
N PHE A 103 -8.07 7.76 2.57
CA PHE A 103 -8.91 8.68 1.83
C PHE A 103 -10.04 7.92 1.13
N TYR A 104 -10.04 6.58 1.14
CA TYR A 104 -11.14 5.84 0.57
C TYR A 104 -11.98 5.21 1.66
N THR A 105 -11.84 5.70 2.89
CA THR A 105 -12.61 5.15 4.00
C THR A 105 -14.11 5.31 3.70
N HIS A 106 -14.47 6.32 2.91
CA HIS A 106 -15.86 6.60 2.56
C HIS A 106 -16.49 5.52 1.69
N THR A 107 -15.67 4.64 1.10
CA THR A 107 -16.16 3.55 0.27
C THR A 107 -16.69 2.38 1.11
N GLY A 108 -16.42 2.31 2.42
CA GLY A 108 -16.88 1.19 3.24
C GLY A 108 -17.90 1.57 4.32
N MET A 109 -17.82 2.76 4.86
CA MET A 109 -18.59 3.12 6.04
C MET A 109 -19.04 4.55 5.84
N ASP A 110 -20.19 4.91 6.41
CA ASP A 110 -20.82 6.20 6.12
C ASP A 110 -20.02 7.37 6.73
N SER A 111 -19.48 7.14 7.94
CA SER A 111 -18.86 8.20 8.72
C SER A 111 -17.97 7.59 9.79
N ALA A 112 -17.21 8.43 10.49
CA ALA A 112 -16.40 7.96 11.61
C ALA A 112 -17.32 7.36 12.67
N HIS A 113 -18.52 7.94 12.82
CA HIS A 113 -19.47 7.51 13.86
C HIS A 113 -19.79 6.03 13.69
N ASP A 114 -20.00 5.62 12.44
CA ASP A 114 -20.36 4.25 12.12
C ASP A 114 -19.20 3.29 12.39
N ILE A 115 -18.00 3.73 12.08
CA ILE A 115 -16.80 2.97 12.40
C ILE A 115 -16.67 2.85 13.90
N ASN A 116 -16.91 3.96 14.63
CA ASN A 116 -16.66 3.96 16.05
C ASN A 116 -17.67 3.08 16.79
N ARG A 117 -18.85 2.93 16.21
CA ARG A 117 -19.89 2.12 16.85
C ARG A 117 -19.78 0.65 16.45
N TYR A 118 -19.04 0.33 15.38
CA TYR A 118 -18.91 -1.05 14.92
C TYR A 118 -17.96 -1.81 15.85
N ARG A 119 -18.14 -3.12 15.95
CA ARG A 119 -17.31 -3.98 16.79
C ARG A 119 -15.94 -4.28 16.14
N ILE A 120 -15.23 -3.24 15.70
CA ILE A 120 -13.88 -3.36 15.17
C ILE A 120 -12.93 -3.52 16.36
N THR A 121 -12.07 -4.52 16.33
CA THR A 121 -11.13 -4.70 17.42
C THR A 121 -9.88 -3.85 17.24
N LYS A 122 -9.41 -3.73 16.00
CA LYS A 122 -8.22 -2.97 15.72
C LYS A 122 -8.29 -2.56 14.27
N ILE A 123 -7.70 -1.39 13.96
CA ILE A 123 -7.44 -0.96 12.60
C ILE A 123 -5.94 -1.00 12.36
N ILE A 124 -5.54 -1.87 11.44
CA ILE A 124 -4.17 -1.96 10.93
C ILE A 124 -4.01 -0.99 9.75
N THR A 125 -2.95 -0.20 9.77
CA THR A 125 -2.71 0.80 8.75
C THR A 125 -1.29 0.65 8.22
N PRO A 126 -0.99 1.25 7.04
CA PRO A 126 0.36 1.22 6.48
C PRO A 126 1.41 2.12 7.10
N SER A 127 1.01 3.09 7.92
CA SER A 127 1.92 4.14 8.33
C SER A 127 1.38 4.92 9.53
N HIS A 128 2.27 5.49 10.33
CA HIS A 128 1.88 6.41 11.39
C HIS A 128 1.10 7.60 10.84
N TYR A 129 1.46 8.08 9.64
CA TYR A 129 0.66 9.11 8.98
C TYR A 129 -0.82 8.71 8.86
N THR A 130 -1.08 7.47 8.44
CA THR A 130 -2.44 7.01 8.25
C THR A 130 -3.19 7.02 9.59
N VAL A 131 -2.50 6.61 10.65
CA VAL A 131 -3.11 6.64 11.97
C VAL A 131 -3.64 8.05 12.27
N LYS A 132 -2.78 9.05 12.10
CA LYS A 132 -3.14 10.44 12.37
C LYS A 132 -4.27 10.92 11.46
N LYS A 133 -4.29 10.49 10.18
CA LYS A 133 -5.34 10.90 9.24
C LYS A 133 -6.71 10.34 9.67
N LEU A 134 -6.75 9.06 10.05
CA LEU A 134 -8.01 8.49 10.48
C LEU A 134 -8.49 9.14 11.75
N GLU A 135 -7.57 9.47 12.66
CA GLU A 135 -7.90 10.14 13.92
C GLU A 135 -8.39 11.57 13.64
N GLU A 136 -7.83 12.25 12.63
CA GLU A 136 -8.30 13.56 12.19
C GLU A 136 -9.77 13.50 11.75
N MET A 137 -10.12 12.38 11.11
CA MET A 137 -11.44 12.14 10.59
C MET A 137 -12.44 11.84 11.69
N GLY A 138 -11.99 11.61 12.94
CA GLY A 138 -12.90 11.37 14.04
C GLY A 138 -12.97 9.90 14.46
N ILE A 139 -12.08 9.05 13.92
CA ILE A 139 -12.09 7.63 14.29
C ILE A 139 -11.30 7.44 15.57
N THR A 140 -11.88 6.71 16.54
CA THR A 140 -11.26 6.54 17.85
C THR A 140 -10.88 5.09 18.16
N LYS A 141 -11.08 4.17 17.22
CA LYS A 141 -10.70 2.77 17.37
C LYS A 141 -9.19 2.63 17.54
N PRO A 142 -8.72 1.61 18.30
CA PRO A 142 -7.29 1.33 18.44
C PRO A 142 -6.64 1.05 17.08
N MET A 143 -5.41 1.52 16.89
CA MET A 143 -4.76 1.38 15.60
C MET A 143 -3.36 0.81 15.73
N ALA A 144 -2.89 0.20 14.64
CA ALA A 144 -1.60 -0.45 14.59
C ALA A 144 -1.01 -0.12 13.22
N VAL A 145 0.31 -0.25 13.06
CA VAL A 145 0.98 0.01 11.80
C VAL A 145 1.77 -1.23 11.35
N ILE A 146 1.52 -1.69 10.11
CA ILE A 146 2.38 -2.64 9.38
C ILE A 146 2.62 -2.06 7.99
N SER A 147 3.80 -1.52 7.75
CA SER A 147 4.14 -0.99 6.44
C SER A 147 4.39 -2.14 5.49
N PRO A 148 3.87 -2.06 4.26
CA PRO A 148 4.25 -3.00 3.21
C PRO A 148 5.75 -2.92 2.94
N TYR A 149 6.26 -3.96 2.30
CA TYR A 149 7.67 -4.04 1.96
C TYR A 149 7.83 -3.95 0.44
N ILE A 150 9.06 -3.57 0.04
CA ILE A 150 9.47 -3.47 -1.35
C ILE A 150 10.10 -4.80 -1.76
N PRO A 151 9.56 -5.47 -2.80
CA PRO A 151 10.10 -6.77 -3.20
C PRO A 151 11.56 -6.65 -3.61
N GLU A 152 12.25 -7.77 -3.42
CA GLU A 152 13.70 -7.80 -3.54
C GLU A 152 14.13 -7.47 -4.97
N TYR A 153 13.25 -7.66 -5.98
CA TYR A 153 13.61 -7.38 -7.38
C TYR A 153 13.67 -5.89 -7.66
N PHE A 154 13.19 -5.03 -6.75
CA PHE A 154 13.54 -3.62 -6.79
C PHE A 154 14.92 -3.41 -6.16
N LYS A 155 15.91 -3.14 -7.02
CA LYS A 155 17.27 -2.90 -6.59
C LYS A 155 17.98 -2.16 -7.72
N PRO A 156 19.12 -1.49 -7.44
CA PRO A 156 19.82 -0.76 -8.49
C PRO A 156 20.41 -1.72 -9.52
N ALA A 157 20.46 -1.24 -10.76
CA ALA A 157 21.26 -1.83 -11.80
C ALA A 157 22.19 -0.72 -12.26
N GLU A 158 23.15 -1.10 -13.11
CA GLU A 158 24.10 -0.19 -13.69
C GLU A 158 23.31 0.82 -14.54
N LYS A 159 23.61 2.09 -14.36
CA LYS A 159 22.90 3.11 -15.12
C LYS A 159 23.84 3.73 -16.13
N SER A 160 23.27 4.16 -17.26
CA SER A 160 24.03 4.66 -18.39
C SER A 160 24.85 5.89 -17.97
N ASN A 161 26.04 6.00 -18.56
CA ASN A 161 26.89 7.15 -18.34
C ASN A 161 26.82 8.17 -19.46
N GLU A 162 25.97 7.94 -20.47
CA GLU A 162 25.92 8.87 -21.59
C GLU A 162 24.51 9.40 -21.90
N GLU A 163 23.42 8.80 -21.41
CA GLU A 163 22.13 9.47 -21.55
C GLU A 163 21.48 9.58 -20.17
N ILE A 164 20.61 10.58 -19.97
CA ILE A 164 19.97 10.81 -18.69
C ILE A 164 18.55 10.22 -18.76
N ARG A 165 18.22 9.33 -17.83
CA ARG A 165 16.98 8.59 -17.92
C ARG A 165 16.10 9.01 -16.76
N ILE A 166 14.91 9.46 -17.11
CA ILE A 166 13.95 9.92 -16.13
C ILE A 166 12.75 9.00 -16.29
N THR A 167 12.09 8.63 -15.19
CA THR A 167 10.85 7.89 -15.31
C THR A 167 9.81 8.48 -14.35
N TYR A 168 8.53 8.24 -14.67
CA TYR A 168 7.43 8.78 -13.88
C TYR A 168 6.19 7.95 -14.13
N SER A 169 5.18 8.07 -13.25
CA SER A 169 3.89 7.40 -13.42
C SER A 169 2.77 8.43 -13.57
N ARG A 170 1.78 8.11 -14.42
CA ARG A 170 0.57 8.92 -14.52
C ARG A 170 -0.63 8.26 -13.87
N ARG A 171 -0.40 7.28 -12.97
CA ARG A 171 -1.49 6.61 -12.31
C ARG A 171 -2.30 7.68 -11.58
N LYS A 172 -1.60 8.61 -10.98
CA LYS A 172 -2.18 9.76 -10.34
C LYS A 172 -1.67 11.02 -11.04
N ARG A 173 -2.53 12.03 -11.02
CA ARG A 173 -2.20 13.36 -11.51
C ARG A 173 -1.89 13.31 -13.00
N GLU A 174 -2.75 12.62 -13.77
CA GLU A 174 -2.43 12.45 -15.19
C GLU A 174 -2.17 13.81 -15.84
N GLU A 175 -3.05 14.77 -15.60
CA GLU A 175 -2.93 16.04 -16.32
C GLU A 175 -1.77 16.87 -15.78
N GLU A 176 -1.38 16.68 -14.52
CA GLU A 176 -0.30 17.49 -13.97
C GLU A 176 1.06 17.08 -14.54
N SER A 177 1.21 15.82 -14.92
CA SER A 177 2.45 15.42 -15.55
C SER A 177 2.68 16.14 -16.89
N LYS A 178 1.61 16.36 -17.65
CA LYS A 178 1.72 17.12 -18.89
C LYS A 178 2.14 18.56 -18.62
N ILE A 179 1.58 19.15 -17.57
CA ILE A 179 1.93 20.52 -17.20
C ILE A 179 3.41 20.59 -16.83
N LEU A 180 3.85 19.68 -15.96
CA LEU A 180 5.23 19.69 -15.53
C LEU A 180 6.16 19.54 -16.74
N LEU A 181 5.87 18.58 -17.61
CA LEU A 181 6.77 18.29 -18.72
C LEU A 181 6.83 19.51 -19.64
N PHE A 182 5.72 20.28 -19.74
CA PHE A 182 5.71 21.54 -20.46
C PHE A 182 6.64 22.57 -19.84
N TYR A 183 6.62 22.70 -18.51
CA TYR A 183 7.58 23.56 -17.86
C TYR A 183 9.01 23.08 -18.11
N LEU A 184 9.24 21.77 -18.09
CA LEU A 184 10.60 21.23 -18.23
C LEU A 184 11.10 21.54 -19.64
N ARG A 185 10.27 21.30 -20.65
CA ARG A 185 10.65 21.62 -22.02
C ARG A 185 10.92 23.11 -22.18
N SER A 186 10.17 23.95 -21.45
CA SER A 186 10.25 25.40 -21.54
C SER A 186 11.50 25.96 -20.86
N LEU A 187 11.95 25.28 -19.79
CA LEU A 187 13.02 25.81 -18.94
C LEU A 187 14.35 25.11 -19.19
N TYR A 188 14.38 23.88 -19.71
CA TYR A 188 15.65 23.16 -19.86
C TYR A 188 16.43 23.66 -21.08
N ARG A 189 17.65 24.16 -20.87
CA ARG A 189 18.47 24.66 -21.96
C ARG A 189 19.77 23.87 -22.14
N GLY A 190 19.89 22.69 -21.52
CA GLY A 190 21.07 21.86 -21.66
C GLY A 190 21.20 21.23 -23.06
N LYS A 191 22.38 20.71 -23.39
CA LYS A 191 22.63 20.18 -24.73
C LYS A 191 21.82 18.92 -25.02
N LYS A 192 21.77 18.03 -24.02
CA LYS A 192 21.50 16.62 -24.26
C LYS A 192 19.98 16.41 -24.28
N ALA A 193 19.53 15.50 -25.16
CA ALA A 193 18.14 15.08 -25.21
C ALA A 193 17.86 14.17 -24.00
N LEU A 194 16.70 14.35 -23.38
CA LEU A 194 16.36 13.61 -22.18
C LEU A 194 15.61 12.36 -22.59
N HIS A 195 15.83 11.26 -21.84
CA HIS A 195 15.17 9.98 -22.05
C HIS A 195 14.11 9.86 -20.96
N ILE A 196 12.87 10.20 -21.30
CA ILE A 196 11.79 10.20 -20.34
C ILE A 196 10.82 9.06 -20.65
N ARG A 197 10.49 8.24 -19.66
CA ARG A 197 9.58 7.12 -19.88
C ARG A 197 8.46 7.14 -18.85
N ASN A 198 7.24 7.04 -19.37
CA ASN A 198 6.04 6.87 -18.58
C ASN A 198 5.84 5.39 -18.29
N LEU A 199 5.83 5.01 -17.01
CA LEU A 199 5.71 3.59 -16.72
C LEU A 199 4.32 3.22 -16.21
N THR A 200 3.33 4.13 -16.33
CA THR A 200 1.99 3.92 -15.81
C THR A 200 1.46 2.51 -16.09
N ASN A 201 1.64 2.01 -17.31
CA ASN A 201 1.03 0.74 -17.69
C ASN A 201 2.02 -0.43 -17.72
N TYR A 202 3.19 -0.28 -17.13
CA TYR A 202 4.13 -1.39 -17.04
C TYR A 202 3.68 -2.39 -15.98
N LYS A 203 4.02 -3.67 -16.16
CA LYS A 203 3.85 -4.66 -15.12
C LYS A 203 4.79 -4.31 -13.98
N ARG A 204 4.54 -4.84 -12.78
CA ARG A 204 5.33 -4.39 -11.64
C ARG A 204 6.81 -4.75 -11.81
N GLU A 205 7.12 -5.93 -12.35
CA GLU A 205 8.51 -6.29 -12.60
C GLU A 205 9.16 -5.41 -13.67
N GLU A 206 8.35 -4.93 -14.63
CA GLU A 206 8.83 -4.03 -15.66
C GLU A 206 9.12 -2.65 -15.05
N VAL A 207 8.29 -2.24 -14.09
CA VAL A 207 8.53 -1.02 -13.33
C VAL A 207 9.89 -1.12 -12.65
N ALA A 208 10.14 -2.26 -11.98
CA ALA A 208 11.42 -2.45 -11.30
C ALA A 208 12.56 -2.37 -12.29
N GLU A 209 12.40 -2.97 -13.46
CA GLU A 209 13.44 -2.96 -14.46
C GLU A 209 13.70 -1.53 -14.91
N GLU A 210 12.64 -0.80 -15.22
CA GLU A 210 12.81 0.56 -15.72
C GLU A 210 13.46 1.44 -14.65
N MET A 211 13.01 1.35 -13.39
CA MET A 211 13.58 2.18 -12.35
C MET A 211 15.06 1.84 -12.12
N SER A 212 15.41 0.55 -12.22
CA SER A 212 16.76 0.07 -11.95
C SER A 212 17.77 0.78 -12.86
N LYS A 213 17.33 1.17 -14.07
CA LYS A 213 18.18 1.80 -15.09
C LYS A 213 17.99 3.31 -15.14
N ALA A 214 17.04 3.84 -14.35
CA ALA A 214 16.70 5.25 -14.41
C ALA A 214 17.55 6.05 -13.42
N HIS A 215 17.96 7.24 -13.82
CA HIS A 215 18.68 8.08 -12.88
C HIS A 215 17.75 8.86 -11.94
N ILE A 216 16.61 9.28 -12.49
CA ILE A 216 15.71 10.16 -11.80
C ILE A 216 14.29 9.59 -11.88
N TYR A 217 13.56 9.68 -10.77
CA TYR A 217 12.15 9.36 -10.74
C TYR A 217 11.38 10.65 -10.41
N ALA A 218 10.57 11.11 -11.36
CA ALA A 218 9.74 12.28 -11.16
C ALA A 218 8.43 11.78 -10.54
N SER A 219 8.16 12.29 -9.35
CA SER A 219 7.08 11.81 -8.49
C SER A 219 5.79 12.62 -8.67
N PHE A 220 4.71 11.91 -8.99
CA PHE A 220 3.36 12.48 -9.12
C PHE A 220 2.44 11.85 -8.07
N ALA A 221 3.03 11.46 -6.95
CA ALA A 221 2.32 10.89 -5.82
C ALA A 221 1.21 11.84 -5.34
N GLU A 222 0.15 11.24 -4.80
CA GLU A 222 -1.03 12.01 -4.45
C GLU A 222 -1.83 11.26 -3.39
N ARG A 223 -2.06 11.92 -2.26
CA ARG A 223 -2.81 11.37 -1.14
C ARG A 223 -2.34 9.97 -0.79
N GLU A 224 -1.05 9.89 -0.49
CA GLU A 224 -0.41 8.62 -0.17
C GLU A 224 -0.63 8.30 1.31
N SER A 225 -0.51 7.02 1.63
CA SER A 225 -0.44 6.59 3.02
C SER A 225 1.04 6.47 3.44
N LEU A 226 1.84 5.90 2.55
CA LEU A 226 3.24 5.66 2.81
C LEU A 226 4.10 6.23 1.70
N GLY A 227 3.72 5.97 0.45
CA GLY A 227 4.47 6.46 -0.70
C GLY A 227 5.30 5.36 -1.34
N LEU A 228 4.65 4.27 -1.72
CA LEU A 228 5.34 3.07 -2.21
C LEU A 228 6.11 3.32 -3.51
N MET A 229 5.56 4.09 -4.46
CA MET A 229 6.25 4.30 -5.73
C MET A 229 7.60 4.99 -5.49
N ALA A 230 7.58 6.03 -4.66
CA ALA A 230 8.82 6.72 -4.31
C ALA A 230 9.81 5.76 -3.63
N LEU A 231 9.32 4.93 -2.72
CA LEU A 231 10.20 3.98 -2.02
C LEU A 231 10.77 2.95 -3.00
N GLU A 232 9.97 2.51 -3.97
CA GLU A 232 10.46 1.64 -5.04
C GLU A 232 11.59 2.30 -5.83
N ALA A 233 11.41 3.58 -6.14
CA ALA A 233 12.40 4.36 -6.86
C ALA A 233 13.68 4.47 -6.02
N MET A 234 13.52 4.71 -4.72
CA MET A 234 14.67 4.82 -3.84
C MET A 234 15.40 3.49 -3.76
N ALA A 235 14.65 2.38 -3.70
CA ALA A 235 15.22 1.06 -3.66
C ALA A 235 16.07 0.78 -4.92
N SER A 236 15.71 1.45 -6.02
CA SER A 236 16.31 1.23 -7.32
C SER A 236 17.51 2.16 -7.58
N GLY A 237 17.84 3.01 -6.61
CA GLY A 237 18.90 3.99 -6.73
C GLY A 237 18.56 5.20 -7.59
N CYS A 238 17.27 5.51 -7.73
CA CYS A 238 16.85 6.72 -8.43
C CYS A 238 16.82 7.92 -7.51
N HIS A 239 17.16 9.08 -8.05
CA HIS A 239 16.93 10.35 -7.37
C HIS A 239 15.46 10.73 -7.53
N VAL A 240 14.77 10.91 -6.39
CA VAL A 240 13.35 11.23 -6.43
C VAL A 240 13.17 12.74 -6.32
N VAL A 241 12.41 13.26 -7.28
CA VAL A 241 12.11 14.69 -7.38
C VAL A 241 10.62 14.82 -7.65
N GLY A 242 9.91 15.64 -6.85
CA GLY A 242 8.56 16.03 -7.22
C GLY A 242 7.62 16.04 -6.02
N PHE A 243 6.35 15.68 -6.28
CA PHE A 243 5.36 15.69 -5.23
C PHE A 243 5.60 14.56 -4.24
N SER A 244 5.46 14.87 -2.95
CA SER A 244 5.65 13.90 -1.89
C SER A 244 4.45 12.95 -1.76
N GLY A 245 3.25 13.40 -2.11
CA GLY A 245 2.07 12.61 -1.84
C GLY A 245 1.38 13.01 -0.52
N PHE A 246 1.94 13.99 0.20
CA PHE A 246 1.45 14.41 1.50
C PHE A 246 1.36 15.94 1.54
N THR A 247 0.13 16.45 1.44
CA THR A 247 -0.07 17.87 1.57
C THR A 247 0.36 18.31 2.96
N ASP A 248 -0.01 17.52 3.96
CA ASP A 248 0.34 17.74 5.36
C ASP A 248 1.63 16.96 5.63
N PHE A 249 2.72 17.39 4.98
CA PHE A 249 4.00 16.71 4.97
C PHE A 249 4.56 16.53 6.38
N GLU A 250 4.19 17.46 7.29
CA GLU A 250 4.66 17.47 8.66
C GLU A 250 4.10 16.27 9.45
N ASN A 251 3.08 15.59 8.93
CA ASN A 251 2.46 14.49 9.64
C ASN A 251 3.07 13.14 9.27
N GLN A 252 4.12 13.16 8.45
CA GLN A 252 4.88 11.95 8.18
C GLN A 252 6.36 12.25 8.39
N ASP A 253 7.15 11.19 8.60
CA ASP A 253 8.58 11.30 8.88
C ASP A 253 9.39 10.27 8.09
N VAL A 254 8.82 9.70 7.02
CA VAL A 254 9.57 8.82 6.14
C VAL A 254 10.40 9.68 5.18
N PHE A 255 9.73 10.62 4.52
CA PHE A 255 10.36 11.48 3.53
C PHE A 255 10.81 12.77 4.18
N ASN A 256 11.98 13.24 3.78
CA ASN A 256 12.56 14.45 4.35
C ASN A 256 13.45 15.09 3.29
N GLU A 257 14.05 16.23 3.65
CA GLU A 257 14.86 16.97 2.70
C GLU A 257 16.09 16.19 2.26
N GLU A 258 16.50 15.20 3.05
CA GLU A 258 17.76 14.50 2.77
C GLU A 258 17.53 13.23 1.93
N ASN A 259 16.30 12.88 1.57
CA ASN A 259 16.11 11.69 0.76
C ASN A 259 15.30 11.97 -0.50
N GLY A 260 15.00 13.24 -0.79
CA GLY A 260 14.29 13.60 -2.00
C GLY A 260 14.24 15.12 -2.17
N ASP A 261 13.96 15.56 -3.40
CA ASP A 261 13.69 16.96 -3.67
C ASP A 261 12.18 17.14 -3.83
N TRP A 262 11.51 17.40 -2.71
CA TRP A 262 10.06 17.46 -2.64
C TRP A 262 9.59 18.87 -2.96
N VAL A 263 8.44 18.97 -3.66
CA VAL A 263 7.81 20.27 -3.91
C VAL A 263 6.40 20.24 -3.36
N LYS A 264 5.79 21.42 -3.23
CA LYS A 264 4.42 21.53 -2.77
C LYS A 264 3.44 21.60 -3.94
N GLU A 265 2.14 21.48 -3.67
CA GLU A 265 1.14 21.51 -4.72
C GLU A 265 1.33 22.75 -5.56
N GLY A 266 1.21 22.56 -6.87
CA GLY A 266 1.18 23.63 -7.87
C GLY A 266 2.57 24.17 -8.19
N GLU A 267 3.60 23.64 -7.53
CA GLU A 267 4.93 24.21 -7.68
C GLU A 267 5.65 23.62 -8.91
N TYR A 268 5.05 23.82 -10.08
CA TYR A 268 5.56 23.20 -11.31
C TYR A 268 6.91 23.77 -11.72
N LYS A 269 7.10 25.06 -11.50
CA LYS A 269 8.35 25.69 -11.85
C LYS A 269 9.45 25.11 -10.96
N LYS A 270 9.22 25.04 -9.63
CA LYS A 270 10.24 24.53 -8.73
C LYS A 270 10.54 23.07 -9.03
N PHE A 271 9.49 22.31 -9.37
CA PHE A 271 9.63 20.92 -9.79
C PHE A 271 10.58 20.85 -10.99
N ALA A 272 10.30 21.62 -12.05
CA ALA A 272 11.15 21.56 -13.23
C ALA A 272 12.57 22.01 -12.91
N GLU A 273 12.71 23.02 -12.04
CA GLU A 273 14.03 23.52 -11.69
C GLU A 273 14.81 22.44 -10.95
N LYS A 274 14.15 21.73 -10.04
CA LYS A 274 14.81 20.64 -9.33
C LYS A 274 15.18 19.50 -10.27
N LEU A 275 14.34 19.23 -11.28
CA LEU A 275 14.69 18.22 -12.27
C LEU A 275 15.94 18.65 -13.02
N ILE A 276 16.00 19.92 -13.43
CA ILE A 276 17.16 20.37 -14.19
C ILE A 276 18.41 20.28 -13.30
N GLU A 277 18.27 20.58 -12.01
CA GLU A 277 19.40 20.46 -11.11
C GLU A 277 19.84 19.00 -11.06
N ALA A 278 18.86 18.07 -10.97
CA ALA A 278 19.18 16.66 -10.92
C ALA A 278 19.83 16.20 -12.23
N ILE A 279 19.35 16.71 -13.37
CA ILE A 279 19.92 16.35 -14.65
C ILE A 279 21.38 16.80 -14.70
N GLU A 280 21.67 18.02 -14.23
CA GLU A 280 23.04 18.54 -14.33
C GLU A 280 23.98 17.74 -13.41
N GLN A 281 23.49 17.32 -12.23
CA GLN A 281 24.27 16.45 -11.36
C GLN A 281 24.63 15.14 -12.06
N ILE A 282 23.70 14.52 -12.79
CA ILE A 282 24.01 13.29 -13.49
C ILE A 282 24.98 13.60 -14.63
N GLU A 283 24.75 14.68 -15.40
CA GLU A 283 25.63 15.07 -16.50
C GLU A 283 27.07 15.27 -15.99
N ASN A 284 27.21 15.83 -14.78
CA ASN A 284 28.53 16.08 -14.20
C ASN A 284 29.12 14.87 -13.46
N ASN A 285 28.41 13.73 -13.43
CA ASN A 285 28.81 12.52 -12.68
C ASN A 285 28.98 12.83 -11.19
N THR A 286 28.02 13.58 -10.63
CA THR A 286 28.02 13.94 -9.23
C THR A 286 26.60 13.74 -8.72
N PRO A 287 26.10 12.49 -8.78
CA PRO A 287 24.72 12.21 -8.37
C PRO A 287 24.50 12.58 -6.92
N SER A 288 23.24 12.94 -6.63
CA SER A 288 22.84 13.44 -5.33
C SER A 288 23.15 12.44 -4.21
N PRO A 289 23.60 12.90 -3.03
CA PRO A 289 23.70 12.03 -1.85
C PRO A 289 22.33 11.62 -1.29
N LYS A 290 21.26 12.21 -1.81
CA LYS A 290 19.92 11.80 -1.42
C LYS A 290 19.62 10.38 -1.89
N ILE A 291 20.33 9.90 -2.92
CA ILE A 291 20.12 8.55 -3.41
C ILE A 291 20.59 7.57 -2.35
N GLU A 292 21.78 7.83 -1.79
CA GLU A 292 22.32 6.96 -0.76
C GLU A 292 21.39 6.92 0.46
N ASN A 293 20.81 8.07 0.83
CA ASN A 293 19.93 8.10 1.98
C ASN A 293 18.65 7.29 1.72
N GLY A 294 18.12 7.38 0.50
CA GLY A 294 16.94 6.64 0.10
C GLY A 294 17.21 5.14 0.12
N LEU A 295 18.37 4.72 -0.41
CA LEU A 295 18.74 3.30 -0.36
C LEU A 295 18.75 2.77 1.08
N ALA A 296 19.35 3.57 1.97
CA ALA A 296 19.54 3.17 3.35
C ALA A 296 18.18 3.08 4.04
N LEU A 297 17.27 3.99 3.68
CA LEU A 297 15.92 3.98 4.25
C LEU A 297 15.19 2.68 3.91
N VAL A 298 15.17 2.31 2.62
CA VAL A 298 14.50 1.12 2.18
C VAL A 298 15.14 -0.10 2.84
N ASN A 299 16.47 -0.16 2.86
CA ASN A 299 17.19 -1.32 3.38
C ASN A 299 16.80 -1.50 4.85
N SER A 300 16.71 -0.40 5.60
CA SER A 300 16.51 -0.52 7.02
C SER A 300 15.04 -0.73 7.39
N ARG A 301 14.07 -0.25 6.61
CA ARG A 301 12.70 -0.19 7.11
C ARG A 301 11.70 -0.91 6.19
N PHE A 302 12.04 -1.11 4.90
CA PHE A 302 11.00 -1.49 3.95
C PHE A 302 11.33 -2.76 3.17
N ARG A 303 12.03 -3.70 3.80
CA ARG A 303 12.22 -5.01 3.18
C ARG A 303 11.46 -6.08 3.95
N GLN A 304 11.45 -7.29 3.39
CA GLN A 304 10.53 -8.34 3.82
C GLN A 304 10.77 -8.78 5.28
N ASP A 305 12.03 -8.89 5.74
CA ASP A 305 12.29 -9.39 7.09
C ASP A 305 11.57 -8.54 8.13
N ARG A 306 11.68 -7.23 8.03
CA ARG A 306 11.04 -6.36 8.99
C ARG A 306 9.51 -6.46 8.88
N PHE A 307 8.99 -6.59 7.67
CA PHE A 307 7.55 -6.75 7.49
C PHE A 307 7.06 -7.99 8.24
N GLU A 308 7.76 -9.12 8.08
CA GLU A 308 7.39 -10.35 8.74
C GLU A 308 7.45 -10.17 10.25
N GLN A 309 8.47 -9.48 10.78
CA GLN A 309 8.51 -9.17 12.21
C GLN A 309 7.27 -8.38 12.65
N GLU A 310 6.91 -7.38 11.86
CA GLU A 310 5.80 -6.52 12.25
C GLU A 310 4.47 -7.25 12.11
N VAL A 311 4.34 -8.14 11.12
CA VAL A 311 3.11 -8.93 11.02
C VAL A 311 2.91 -9.77 12.29
N VAL A 312 3.93 -10.54 12.66
CA VAL A 312 3.87 -11.36 13.85
C VAL A 312 3.56 -10.49 15.07
N ARG A 313 4.28 -9.38 15.23
CA ARG A 313 4.08 -8.56 16.42
C ARG A 313 2.63 -8.11 16.51
N VAL A 314 2.13 -7.53 15.42
CA VAL A 314 0.83 -6.86 15.43
C VAL A 314 -0.31 -7.86 15.55
N TYR A 315 -0.28 -8.95 14.77
CA TYR A 315 -1.35 -9.93 14.84
C TYR A 315 -1.33 -10.70 16.16
N GLN A 316 -0.15 -10.97 16.73
CA GLN A 316 -0.12 -11.64 18.02
C GLN A 316 -0.67 -10.73 19.11
N ASP A 317 -0.41 -9.43 19.01
CA ASP A 317 -0.93 -8.46 19.97
C ASP A 317 -2.46 -8.44 19.92
N ILE A 318 -3.01 -8.55 18.70
CA ILE A 318 -4.44 -8.61 18.49
C ILE A 318 -4.99 -9.89 19.13
N LEU A 319 -4.37 -11.04 18.85
CA LEU A 319 -4.84 -12.29 19.43
C LEU A 319 -4.76 -12.28 20.97
N ASP A 320 -3.79 -11.56 21.51
CA ASP A 320 -3.61 -11.46 22.95
C ASP A 320 -4.65 -10.53 23.57
N ASN A 321 -5.40 -9.77 22.76
CA ASN A 321 -6.27 -8.72 23.27
C ASN A 321 -7.61 -8.71 22.54
N LEU A 322 -8.26 -9.88 22.48
CA LEU A 322 -9.52 -9.97 21.78
C LEU A 322 -10.66 -9.67 22.73
N PRO A 323 -11.77 -9.07 22.24
CA PRO A 323 -12.97 -8.97 23.04
C PRO A 323 -13.58 -10.34 23.30
N PRO A 324 -14.33 -10.44 24.42
CA PRO A 324 -15.06 -11.67 24.74
C PRO A 324 -16.07 -11.87 23.62
N LEU A 325 -16.26 -13.14 23.24
CA LEU A 325 -17.38 -13.54 22.41
C LEU A 325 -18.68 -13.28 23.16
N GLU A 326 -19.64 -12.60 22.52
CA GLU A 326 -20.97 -12.42 23.10
C GLU A 326 -21.93 -13.38 22.42
N GLY A 327 -22.47 -14.32 23.19
CA GLY A 327 -23.54 -15.19 22.69
C GLY A 327 -23.00 -16.48 22.08
N PHE A 328 -21.68 -16.68 22.12
CA PHE A 328 -21.05 -17.87 21.58
C PHE A 328 -19.91 -18.31 22.48
N ASN A 329 -19.59 -19.61 22.43
CA ASN A 329 -18.33 -20.11 22.98
C ASN A 329 -17.35 -20.37 21.86
N GLU A 330 -16.05 -20.34 22.19
CA GLU A 330 -15.03 -20.76 21.24
C GLU A 330 -15.39 -22.19 20.79
N SER A 331 -15.29 -22.41 19.49
CA SER A 331 -15.40 -23.72 18.86
C SER A 331 -16.82 -23.95 18.38
N ASP A 332 -17.77 -23.12 18.85
CA ASP A 332 -19.12 -23.15 18.31
C ASP A 332 -19.08 -22.90 16.82
N LYS A 333 -19.98 -23.57 16.10
CA LYS A 333 -20.07 -23.35 14.67
C LYS A 333 -21.12 -22.27 14.43
N VAL A 334 -20.86 -21.41 13.43
CA VAL A 334 -21.75 -20.31 13.14
C VAL A 334 -22.02 -20.34 11.66
N VAL A 335 -23.30 -20.37 11.28
CA VAL A 335 -23.68 -20.31 9.88
C VAL A 335 -23.41 -18.92 9.32
N LEU A 336 -22.71 -18.83 8.19
CA LEU A 336 -22.66 -17.61 7.40
C LEU A 336 -23.67 -17.70 6.26
N ASP A 337 -24.73 -16.89 6.33
CA ASP A 337 -25.69 -16.80 5.23
C ASP A 337 -26.15 -15.34 5.04
N PHE A 338 -25.23 -14.39 5.26
CA PHE A 338 -25.57 -12.98 5.32
C PHE A 338 -25.51 -12.28 3.95
N TRP A 339 -24.94 -12.97 2.94
CA TRP A 339 -24.79 -12.42 1.60
C TRP A 339 -25.41 -13.34 0.56
N HIS A 340 -26.01 -12.72 -0.48
CA HIS A 340 -26.53 -13.40 -1.66
C HIS A 340 -26.07 -12.61 -2.89
N PHE A 341 -24.91 -13.03 -3.43
CA PHE A 341 -24.25 -12.33 -4.53
C PHE A 341 -24.72 -12.91 -5.85
N ASP A 342 -24.56 -12.14 -6.93
CA ASP A 342 -24.76 -12.67 -8.26
C ASP A 342 -23.77 -13.81 -8.54
#